data_9IKP
#
_entry.id   9IKP
#
_cell.length_a   100.656
_cell.length_b   100.656
_cell.length_c   36.188
_cell.angle_alpha   90.00
_cell.angle_beta   90.00
_cell.angle_gamma   120.00
#
_symmetry.space_group_name_H-M   'P 31'
#
loop_
_entity.id
_entity.type
_entity.pdbx_description
1 polymer Malectin
2 non-polymer '1,4-DIETHYLENE DIOXIDE'
3 non-polymer 'SULFATE ION'
4 water water
#
_entity_poly.entity_id   1
_entity_poly.type   'polypeptide(L)'
_entity_poly.pdbx_seq_one_letter_code
;AGLPESVIWAVNAGGEAHVDVHGIHFRKDPLEGRVGRASDYGMKLPILRSNPEDQILYQTERYNEETFGYEVPIKEEGDY
VLVLKFAEVYFAQSQQKVFDVRLNGHVVVKDLDIFDRVGHSTAHDEIIPMSIRKGKLSVQGEVSTFTGKLYIEFVKGYYD
NPKVCALYIMAGTVDDVPKLQPHP
;
_entity_poly.pdbx_strand_id   A,B
#
loop_
_chem_comp.id
_chem_comp.type
_chem_comp.name
_chem_comp.formula
DIO non-polymer '1,4-DIETHYLENE DIOXIDE' 'C4 H8 O2'
SO4 non-polymer 'SULFATE ION' 'O4 S -2'
#
# COMPACT_ATOMS: atom_id res chain seq x y z
N ALA A 1 9.28 -10.73 12.90
CA ALA A 1 8.47 -10.66 11.68
C ALA A 1 9.04 -11.54 10.55
N GLY A 2 8.18 -12.30 9.88
CA GLY A 2 8.55 -13.06 8.70
C GLY A 2 8.55 -12.17 7.45
N LEU A 3 8.76 -12.82 6.29
CA LEU A 3 9.15 -12.09 5.07
C LEU A 3 8.16 -11.00 4.63
N PRO A 4 6.92 -11.31 4.22
CA PRO A 4 6.07 -10.20 3.75
C PRO A 4 5.85 -9.14 4.82
N GLU A 5 5.68 -9.55 6.09
CA GLU A 5 5.49 -8.57 7.14
C GLU A 5 6.71 -7.67 7.34
N SER A 6 7.92 -8.14 6.99
CA SER A 6 9.13 -7.36 7.22
C SER A 6 9.48 -6.36 6.10
N VAL A 7 8.77 -6.38 4.97
CA VAL A 7 9.04 -5.43 3.88
C VAL A 7 8.35 -4.09 4.16
N ILE A 8 9.13 -3.00 4.22
CA ILE A 8 8.59 -1.68 4.53
C ILE A 8 8.27 -0.81 3.29
N TRP A 9 8.81 -1.15 2.11
CA TRP A 9 8.78 -0.29 0.92
C TRP A 9 9.26 -1.09 -0.31
N ALA A 10 8.52 -1.09 -1.43
CA ALA A 10 8.91 -1.87 -2.63
C ALA A 10 8.29 -1.29 -3.90
N VAL A 11 9.05 -1.29 -5.03
CA VAL A 11 8.64 -0.65 -6.30
C VAL A 11 8.93 -1.55 -7.50
N ASN A 12 7.96 -1.67 -8.44
CA ASN A 12 8.19 -2.23 -9.80
C ASN A 12 8.45 -1.08 -10.76
N ALA A 13 9.73 -0.80 -11.04
CA ALA A 13 10.10 0.34 -11.89
C ALA A 13 9.59 0.16 -13.32
N GLY A 14 9.01 1.24 -13.87
CA GLY A 14 8.41 1.22 -15.20
C GLY A 14 7.14 0.40 -15.36
N GLY A 15 6.53 -0.10 -14.27
CA GLY A 15 5.42 -1.03 -14.41
C GLY A 15 4.30 -0.87 -13.41
N GLU A 16 3.33 -1.80 -13.40
CA GLU A 16 2.16 -1.83 -12.52
C GLU A 16 2.43 -2.71 -11.29
N ALA A 17 1.46 -2.75 -10.37
CA ALA A 17 1.61 -3.58 -9.16
C ALA A 17 1.79 -5.06 -9.53
N HIS A 18 2.61 -5.78 -8.74
CA HIS A 18 2.84 -7.22 -8.92
C HIS A 18 3.22 -7.88 -7.60
N VAL A 19 2.57 -9.00 -7.24
CA VAL A 19 2.92 -9.79 -6.04
C VAL A 19 3.72 -11.02 -6.47
N ASP A 20 4.94 -11.18 -5.91
CA ASP A 20 5.86 -12.23 -6.36
C ASP A 20 5.59 -13.55 -5.62
N VAL A 21 6.38 -14.60 -5.95
CA VAL A 21 6.11 -15.94 -5.40
C VAL A 21 6.42 -16.03 -3.91
N HIS A 22 7.17 -15.07 -3.36
CA HIS A 22 7.41 -14.99 -1.92
C HIS A 22 6.36 -14.16 -1.17
N GLY A 23 5.38 -13.59 -1.87
CA GLY A 23 4.37 -12.75 -1.25
C GLY A 23 4.72 -11.28 -1.15
N ILE A 24 5.80 -10.83 -1.77
CA ILE A 24 6.22 -9.43 -1.72
C ILE A 24 5.44 -8.62 -2.76
N HIS A 25 4.80 -7.54 -2.32
CA HIS A 25 4.02 -6.62 -3.16
C HIS A 25 4.93 -5.49 -3.68
N PHE A 26 5.30 -5.54 -4.97
CA PHE A 26 6.04 -4.47 -5.63
C PHE A 26 4.99 -3.46 -6.14
N ARG A 27 5.01 -2.23 -5.59
CA ARG A 27 3.97 -1.22 -5.90
C ARG A 27 4.14 -0.61 -7.30
N LYS A 28 3.04 -0.11 -7.87
CA LYS A 28 3.11 0.65 -9.12
C LYS A 28 4.10 1.81 -8.97
N ASP A 29 4.88 2.08 -10.03
CA ASP A 29 6.00 3.05 -9.98
C ASP A 29 5.56 4.47 -9.58
N PRO A 30 6.03 5.01 -8.44
CA PRO A 30 5.63 6.38 -8.05
C PRO A 30 6.27 7.50 -8.88
N LEU A 31 7.27 7.22 -9.71
CA LEU A 31 7.86 8.27 -10.54
C LEU A 31 7.24 8.37 -11.94
N GLU A 32 6.16 7.64 -12.22
CA GLU A 32 5.50 7.74 -13.52
C GLU A 32 5.13 9.17 -13.83
N GLY A 33 5.59 9.66 -14.98
CA GLY A 33 5.35 11.01 -15.45
C GLY A 33 6.10 12.10 -14.73
N ARG A 34 7.06 11.76 -13.87
CA ARG A 34 7.67 12.72 -12.94
C ARG A 34 9.18 12.85 -13.14
N VAL A 35 9.90 11.73 -13.18
CA VAL A 35 11.38 11.70 -13.18
C VAL A 35 11.80 10.53 -14.07
N GLY A 36 12.70 10.77 -15.04
CA GLY A 36 13.17 9.68 -15.91
C GLY A 36 12.15 9.19 -16.97
N ARG A 37 12.44 8.01 -17.54
CA ARG A 37 11.66 7.43 -18.63
C ARG A 37 11.34 5.94 -18.38
N ALA A 38 10.07 5.54 -18.56
CA ALA A 38 9.67 4.13 -18.46
C ALA A 38 9.87 3.43 -19.81
N SER A 39 10.20 2.13 -19.77
CA SER A 39 10.25 1.32 -20.99
C SER A 39 9.76 -0.11 -20.75
N ASP A 40 8.90 -0.61 -21.65
CA ASP A 40 8.47 -2.01 -21.64
C ASP A 40 9.08 -2.83 -22.77
N TYR A 41 10.26 -2.41 -23.26
CA TYR A 41 10.94 -3.10 -24.37
C TYR A 41 11.19 -4.58 -24.06
N GLY A 42 11.55 -4.91 -22.82
CA GLY A 42 11.88 -6.30 -22.46
C GLY A 42 10.70 -7.27 -22.43
N MET A 43 9.45 -6.79 -22.59
CA MET A 43 8.31 -7.69 -22.53
C MET A 43 8.26 -8.69 -23.70
N LYS A 44 9.10 -8.50 -24.72
CA LYS A 44 9.25 -9.46 -25.82
C LYS A 44 10.20 -10.61 -25.51
N LEU A 45 10.92 -10.58 -24.39
CA LEU A 45 12.03 -11.50 -24.14
C LEU A 45 11.78 -12.39 -22.94
N PRO A 46 12.05 -13.70 -23.03
CA PRO A 46 12.13 -14.52 -21.81
C PRO A 46 13.34 -14.14 -20.97
N ILE A 47 13.15 -14.03 -19.66
CA ILE A 47 14.21 -13.63 -18.72
C ILE A 47 14.77 -14.86 -18.01
N LEU A 48 16.03 -15.21 -18.27
CA LEU A 48 16.62 -16.37 -17.61
C LEU A 48 16.93 -16.10 -16.13
N ARG A 49 16.94 -17.17 -15.33
CA ARG A 49 17.29 -17.18 -13.92
C ARG A 49 16.17 -16.65 -13.01
N SER A 50 15.17 -15.99 -13.59
CA SER A 50 13.99 -15.57 -12.82
C SER A 50 12.95 -16.69 -12.79
N ASN A 51 12.15 -16.72 -11.71
CA ASN A 51 10.90 -17.48 -11.78
C ASN A 51 10.05 -16.94 -12.92
N PRO A 52 9.45 -17.81 -13.74
CA PRO A 52 8.67 -17.31 -14.89
C PRO A 52 7.42 -16.52 -14.53
N GLU A 53 6.81 -16.79 -13.37
CA GLU A 53 5.65 -16.01 -12.91
C GLU A 53 6.00 -14.57 -12.61
N ASP A 54 7.29 -14.28 -12.40
CA ASP A 54 7.73 -12.98 -11.93
C ASP A 54 8.58 -12.24 -12.95
N GLN A 55 8.69 -12.74 -14.18
CA GLN A 55 9.62 -12.09 -15.10
C GLN A 55 9.17 -10.67 -15.52
N ILE A 56 7.90 -10.30 -15.32
CA ILE A 56 7.46 -8.92 -15.60
C ILE A 56 8.26 -7.87 -14.81
N LEU A 57 8.78 -8.23 -13.61
CA LEU A 57 9.59 -7.30 -12.83
C LEU A 57 10.84 -6.84 -13.61
N TYR A 58 11.47 -7.78 -14.34
CA TYR A 58 12.71 -7.56 -15.09
C TYR A 58 12.47 -7.11 -16.54
N GLN A 59 11.26 -7.33 -17.08
CA GLN A 59 10.87 -6.90 -18.43
C GLN A 59 10.51 -5.41 -18.52
N THR A 60 10.27 -4.73 -17.39
CA THR A 60 9.95 -3.31 -17.32
C THR A 60 11.05 -2.56 -16.54
N GLU A 61 11.38 -1.33 -16.97
CA GLU A 61 12.47 -0.55 -16.35
C GLU A 61 12.16 0.95 -16.31
N ARG A 62 12.92 1.69 -15.47
CA ARG A 62 13.08 3.14 -15.57
C ARG A 62 14.55 3.47 -15.86
N TYR A 63 14.82 4.32 -16.87
CA TYR A 63 16.17 4.73 -17.29
C TYR A 63 16.21 6.25 -17.55
N ASN A 64 17.43 6.80 -17.73
CA ASN A 64 17.56 8.24 -18.01
C ASN A 64 18.93 8.56 -18.61
N GLU A 65 19.00 9.65 -19.40
CA GLU A 65 20.28 10.12 -19.93
C GLU A 65 21.03 11.08 -18.99
N GLU A 66 20.49 11.37 -17.80
CA GLU A 66 21.16 12.10 -16.72
C GLU A 66 20.92 11.34 -15.40
N THR A 67 21.69 11.69 -14.37
CA THR A 67 21.54 11.08 -13.04
C THR A 67 20.10 11.25 -12.51
N PHE A 68 19.55 10.20 -11.83
CA PHE A 68 18.20 10.24 -11.25
C PHE A 68 18.11 9.32 -10.02
N GLY A 69 17.04 9.48 -9.22
CA GLY A 69 16.91 8.63 -8.03
C GLY A 69 15.53 8.61 -7.39
N TYR A 70 15.39 7.71 -6.38
CA TYR A 70 14.18 7.56 -5.55
C TYR A 70 14.46 8.04 -4.12
N GLU A 71 13.49 8.72 -3.50
CA GLU A 71 13.57 9.08 -2.07
C GLU A 71 12.66 8.15 -1.24
N VAL A 72 13.17 7.69 -0.08
CA VAL A 72 12.49 6.69 0.74
C VAL A 72 12.34 7.17 2.18
N PRO A 73 11.12 7.28 2.74
CA PRO A 73 10.99 7.58 4.18
C PRO A 73 11.23 6.33 5.02
N ILE A 74 12.03 6.45 6.09
CA ILE A 74 12.25 5.36 7.06
C ILE A 74 11.84 5.83 8.46
N LYS A 75 10.80 5.18 9.02
CA LYS A 75 10.14 5.65 10.24
C LYS A 75 10.87 5.28 11.54
N GLU A 76 11.50 4.10 11.60
CA GLU A 76 12.04 3.57 12.86
C GLU A 76 13.51 3.16 12.70
N GLU A 77 14.27 3.26 13.80
CA GLU A 77 15.64 2.74 13.84
C GLU A 77 15.66 1.22 13.76
N GLY A 78 16.77 0.68 13.22
CA GLY A 78 16.95 -0.76 13.13
C GLY A 78 17.94 -1.19 12.07
N ASP A 79 18.07 -2.52 11.90
CA ASP A 79 18.86 -3.10 10.81
C ASP A 79 17.98 -3.39 9.59
N TYR A 80 18.49 -3.09 8.39
CA TYR A 80 17.72 -3.24 7.14
C TYR A 80 18.61 -3.80 6.02
N VAL A 81 17.98 -4.35 4.96
CA VAL A 81 18.68 -4.74 3.73
C VAL A 81 17.97 -4.15 2.51
N LEU A 82 18.73 -3.48 1.62
CA LEU A 82 18.24 -2.99 0.32
C LEU A 82 18.59 -4.01 -0.79
N VAL A 83 17.58 -4.41 -1.59
CA VAL A 83 17.77 -5.32 -2.72
C VAL A 83 17.42 -4.58 -4.03
N LEU A 84 18.36 -4.57 -4.99
CA LEU A 84 18.18 -3.92 -6.29
C LEU A 84 18.20 -4.97 -7.42
N LYS A 85 17.18 -4.98 -8.30
CA LYS A 85 17.02 -5.98 -9.36
C LYS A 85 17.25 -5.38 -10.76
N PHE A 86 18.07 -6.05 -11.62
CA PHE A 86 18.47 -5.55 -12.94
C PHE A 86 18.43 -6.65 -14.02
N ALA A 87 18.30 -6.24 -15.29
CA ALA A 87 18.53 -7.08 -16.47
C ALA A 87 18.97 -6.21 -17.66
N GLU A 88 19.90 -6.74 -18.49
CA GLU A 88 20.36 -6.08 -19.72
C GLU A 88 19.58 -6.66 -20.91
N VAL A 89 18.60 -5.88 -21.42
CA VAL A 89 17.70 -6.36 -22.47
C VAL A 89 18.07 -5.80 -23.85
N TYR A 90 19.23 -5.13 -24.00
CA TYR A 90 19.63 -4.55 -25.29
C TYR A 90 21.04 -4.95 -25.74
N PHE A 91 22.07 -4.73 -24.92
CA PHE A 91 23.46 -5.01 -25.29
C PHE A 91 23.87 -6.47 -25.00
N ALA A 92 24.93 -6.92 -25.70
CA ALA A 92 25.50 -8.27 -25.57
C ALA A 92 27.03 -8.28 -25.72
N GLN A 93 27.69 -7.22 -25.21
CA GLN A 93 29.15 -7.11 -25.06
C GLN A 93 29.47 -6.33 -23.78
N SER A 94 30.71 -6.47 -23.25
CA SER A 94 31.06 -5.71 -22.04
C SER A 94 31.45 -4.27 -22.41
N GLN A 95 31.48 -3.40 -21.38
CA GLN A 95 31.77 -1.96 -21.51
C GLN A 95 30.91 -1.27 -22.58
N GLN A 96 29.61 -1.61 -22.62
CA GLN A 96 28.63 -0.88 -23.41
C GLN A 96 27.73 -0.01 -22.55
N LYS A 97 27.17 -0.56 -21.46
CA LYS A 97 26.41 0.18 -20.43
C LYS A 97 27.07 -0.06 -19.06
N VAL A 98 27.56 1.02 -18.42
CA VAL A 98 28.24 0.97 -17.11
C VAL A 98 27.81 2.19 -16.28
N PHE A 99 27.49 1.99 -14.98
CA PHE A 99 27.05 3.08 -14.08
C PHE A 99 27.30 2.76 -12.59
N ASP A 100 27.40 3.82 -11.76
CA ASP A 100 27.51 3.73 -10.30
C ASP A 100 26.13 3.83 -9.62
N VAL A 101 26.03 3.26 -8.41
CA VAL A 101 24.89 3.42 -7.51
C VAL A 101 25.36 4.07 -6.20
N ARG A 102 24.66 5.14 -5.75
CA ARG A 102 24.98 5.85 -4.50
C ARG A 102 23.81 5.87 -3.51
N LEU A 103 24.14 5.86 -2.22
CA LEU A 103 23.16 5.93 -1.13
C LEU A 103 23.54 7.10 -0.22
N ASN A 104 22.72 8.16 -0.19
CA ASN A 104 23.03 9.38 0.54
C ASN A 104 24.45 9.88 0.25
N GLY A 105 24.86 9.75 -1.02
CA GLY A 105 26.18 10.17 -1.46
C GLY A 105 27.28 9.12 -1.39
N HIS A 106 27.10 8.05 -0.61
CA HIS A 106 28.10 6.98 -0.51
C HIS A 106 28.02 6.09 -1.76
N VAL A 107 29.15 5.86 -2.44
CA VAL A 107 29.13 4.92 -3.57
C VAL A 107 29.08 3.49 -3.04
N VAL A 108 27.98 2.76 -3.33
CA VAL A 108 27.80 1.43 -2.80
C VAL A 108 27.94 0.32 -3.87
N VAL A 109 27.81 0.64 -5.16
CA VAL A 109 28.21 -0.24 -6.27
C VAL A 109 29.00 0.59 -7.27
N LYS A 110 30.28 0.23 -7.50
CA LYS A 110 31.16 0.93 -8.45
C LYS A 110 31.23 0.20 -9.79
N ASP A 111 30.95 0.93 -10.88
CA ASP A 111 31.09 0.43 -12.26
C ASP A 111 30.29 -0.86 -12.50
N LEU A 112 28.99 -0.81 -12.21
CA LEU A 112 28.09 -1.93 -12.49
C LEU A 112 27.93 -2.13 -14.00
N ASP A 113 28.30 -3.32 -14.50
CA ASP A 113 28.21 -3.73 -15.90
C ASP A 113 27.36 -5.01 -15.92
N ILE A 114 26.05 -4.85 -16.14
CA ILE A 114 25.12 -5.98 -15.98
C ILE A 114 25.49 -7.12 -16.94
N PHE A 115 25.74 -6.82 -18.22
CA PHE A 115 26.11 -7.89 -19.14
C PHE A 115 27.36 -8.64 -18.69
N ASP A 116 28.40 -7.92 -18.23
CA ASP A 116 29.63 -8.61 -17.84
C ASP A 116 29.38 -9.63 -16.73
N ARG A 117 28.45 -9.35 -15.82
CA ARG A 117 28.21 -10.21 -14.65
C ARG A 117 27.35 -11.44 -14.96
N VAL A 118 26.34 -11.31 -15.84
CA VAL A 118 25.33 -12.39 -16.02
C VAL A 118 24.97 -12.72 -17.47
N GLY A 119 25.39 -11.90 -18.46
CA GLY A 119 24.97 -12.11 -19.86
C GLY A 119 23.75 -11.29 -20.28
N HIS A 120 23.20 -11.64 -21.48
CA HIS A 120 22.01 -10.98 -22.06
C HIS A 120 20.71 -11.58 -21.53
N SER A 121 19.73 -10.71 -21.22
CA SER A 121 18.35 -11.10 -20.89
C SER A 121 18.29 -12.08 -19.72
N THR A 122 19.04 -11.76 -18.63
CA THR A 122 19.25 -12.63 -17.47
C THR A 122 19.21 -11.80 -16.18
N ALA A 123 18.54 -12.29 -15.13
CA ALA A 123 18.40 -11.52 -13.90
C ALA A 123 19.73 -11.39 -13.13
N HIS A 124 19.96 -10.19 -12.53
CA HIS A 124 21.08 -9.89 -11.63
C HIS A 124 20.60 -9.01 -10.46
N ASP A 125 20.87 -9.42 -9.20
CA ASP A 125 20.51 -8.65 -8.00
C ASP A 125 21.76 -8.22 -7.21
N GLU A 126 21.74 -6.96 -6.70
CA GLU A 126 22.70 -6.45 -5.71
C GLU A 126 22.06 -6.38 -4.32
N ILE A 127 22.77 -6.83 -3.28
CA ILE A 127 22.24 -6.94 -1.91
C ILE A 127 23.11 -6.09 -0.97
N ILE A 128 22.52 -5.06 -0.35
CA ILE A 128 23.26 -4.04 0.39
C ILE A 128 22.70 -3.90 1.81
N PRO A 129 23.39 -4.43 2.83
CA PRO A 129 22.95 -4.23 4.22
C PRO A 129 23.30 -2.85 4.76
N MET A 130 22.47 -2.36 5.70
CA MET A 130 22.68 -1.06 6.36
C MET A 130 22.06 -1.05 7.76
N SER A 131 22.46 -0.06 8.57
CA SER A 131 21.87 0.17 9.89
C SER A 131 21.52 1.64 10.07
N ILE A 132 20.41 1.90 10.76
CA ILE A 132 20.01 3.26 11.14
C ILE A 132 19.83 3.29 12.65
N ARG A 133 20.73 4.01 13.35
CA ARG A 133 20.79 4.01 14.80
C ARG A 133 21.42 5.31 15.29
N LYS A 134 20.85 5.86 16.38
CA LYS A 134 21.43 7.01 17.09
C LYS A 134 21.60 8.23 16.19
N GLY A 135 20.67 8.42 15.24
CA GLY A 135 20.72 9.54 14.32
C GLY A 135 21.66 9.39 13.14
N LYS A 136 22.17 8.16 12.87
CA LYS A 136 23.20 7.92 11.85
C LYS A 136 22.80 6.81 10.87
N LEU A 137 23.22 6.96 9.61
CA LEU A 137 23.24 5.88 8.61
C LEU A 137 24.63 5.25 8.55
N SER A 138 24.70 3.90 8.59
CA SER A 138 25.96 3.16 8.45
C SER A 138 25.84 2.17 7.30
N VAL A 139 26.74 2.26 6.33
CA VAL A 139 26.76 1.37 5.16
C VAL A 139 28.19 1.18 4.68
N GLN A 140 28.61 -0.09 4.52
CA GLN A 140 29.93 -0.49 4.04
C GLN A 140 31.06 0.20 4.81
N GLY A 141 30.87 0.31 6.12
CA GLY A 141 31.90 0.87 6.97
C GLY A 141 32.00 2.39 6.99
N GLU A 142 31.05 3.10 6.40
CA GLU A 142 31.02 4.56 6.40
C GLU A 142 29.77 5.05 7.14
N VAL A 143 29.88 6.22 7.78
CA VAL A 143 28.84 6.75 8.68
C VAL A 143 28.54 8.22 8.36
N SER A 144 27.24 8.59 8.38
CA SER A 144 26.82 9.98 8.15
C SER A 144 25.46 10.24 8.80
N THR A 145 25.12 11.54 8.94
CA THR A 145 23.87 11.94 9.61
C THR A 145 22.63 11.56 8.80
N PHE A 146 21.64 10.95 9.47
CA PHE A 146 20.37 10.55 8.85
C PHE A 146 19.25 11.48 9.31
N THR A 147 18.51 12.04 8.33
CA THR A 147 17.48 13.04 8.57
C THR A 147 16.05 12.48 8.52
N GLY A 148 15.88 11.23 8.13
CA GLY A 148 14.56 10.63 7.98
C GLY A 148 14.28 10.08 6.61
N LYS A 149 15.09 10.43 5.60
CA LYS A 149 14.91 10.00 4.22
C LYS A 149 16.22 9.47 3.62
N LEU A 150 16.10 8.38 2.86
CA LEU A 150 17.19 7.77 2.10
C LEU A 150 17.07 8.15 0.63
N TYR A 151 18.18 8.55 -0.01
CA TYR A 151 18.17 8.91 -1.44
C TYR A 151 19.01 7.90 -2.22
N ILE A 152 18.36 7.11 -3.08
CA ILE A 152 18.99 6.05 -3.87
C ILE A 152 19.21 6.57 -5.29
N GLU A 153 20.47 6.77 -5.71
CA GLU A 153 20.80 7.42 -6.99
C GLU A 153 21.47 6.46 -7.98
N PHE A 154 21.09 6.59 -9.27
CA PHE A 154 21.72 5.87 -10.38
C PHE A 154 22.41 6.91 -11.29
N VAL A 155 23.76 6.83 -11.39
CA VAL A 155 24.63 7.94 -11.83
C VAL A 155 25.04 7.79 -13.31
N LYS A 156 24.87 8.87 -14.10
CA LYS A 156 25.25 8.87 -15.52
C LYS A 156 26.76 9.04 -15.71
N GLY A 157 27.38 8.10 -16.44
CA GLY A 157 28.77 8.20 -16.87
C GLY A 157 28.90 8.29 -18.39
N TYR A 158 30.04 7.83 -18.97
CA TYR A 158 30.21 7.88 -20.42
C TYR A 158 29.56 6.73 -21.17
N TYR A 159 29.31 5.57 -20.54
CA TYR A 159 28.89 4.35 -21.25
C TYR A 159 27.38 4.13 -21.11
N ASP A 160 26.61 4.62 -22.08
CA ASP A 160 25.15 4.55 -22.17
C ASP A 160 24.48 5.07 -20.88
N ASN A 161 23.25 4.55 -20.53
CA ASN A 161 22.32 5.15 -19.56
C ASN A 161 22.15 4.31 -18.28
N PRO A 162 22.15 4.93 -17.10
CA PRO A 162 21.75 4.19 -15.87
C PRO A 162 20.29 3.73 -15.91
N LYS A 163 19.99 2.60 -15.22
CA LYS A 163 18.64 2.00 -15.19
C LYS A 163 18.43 1.17 -13.93
N VAL A 164 17.15 0.86 -13.63
CA VAL A 164 16.77 -0.10 -12.57
C VAL A 164 15.44 -0.77 -12.96
N CYS A 165 15.27 -2.06 -12.56
CA CYS A 165 14.02 -2.79 -12.87
C CYS A 165 13.05 -2.93 -11.69
N ALA A 166 13.54 -3.20 -10.48
CA ALA A 166 12.70 -3.25 -9.26
C ALA A 166 13.58 -3.11 -8.02
N LEU A 167 12.96 -2.77 -6.87
CA LEU A 167 13.73 -2.60 -5.64
C LEU A 167 12.83 -2.78 -4.40
N TYR A 168 13.44 -3.25 -3.28
CA TYR A 168 12.69 -3.34 -2.01
C TYR A 168 13.62 -3.23 -0.81
N ILE A 169 13.07 -2.80 0.35
CA ILE A 169 13.80 -2.72 1.63
C ILE A 169 13.07 -3.55 2.69
N MET A 170 13.81 -4.44 3.38
CA MET A 170 13.24 -5.28 4.44
C MET A 170 13.98 -5.10 5.76
N ALA A 171 13.25 -5.22 6.87
CA ALA A 171 13.89 -5.24 8.18
C ALA A 171 14.52 -6.61 8.44
N GLY A 172 15.81 -6.62 8.84
CA GLY A 172 16.52 -7.86 9.11
C GLY A 172 17.96 -7.80 8.61
N THR A 173 18.56 -8.98 8.42
CA THR A 173 19.94 -9.12 7.97
C THR A 173 20.03 -10.03 6.73
N VAL A 174 21.23 -10.13 6.16
CA VAL A 174 21.40 -10.70 4.82
C VAL A 174 20.98 -12.18 4.77
N ASP A 175 21.14 -12.91 5.87
CA ASP A 175 20.74 -14.32 5.84
C ASP A 175 19.23 -14.49 5.61
N ASP A 176 18.42 -13.44 5.83
CA ASP A 176 16.97 -13.47 5.67
C ASP A 176 16.50 -13.28 4.22
N VAL A 177 17.37 -12.85 3.30
CA VAL A 177 16.98 -12.46 1.94
C VAL A 177 16.96 -13.65 0.99
N PRO A 178 15.89 -13.87 0.22
CA PRO A 178 15.94 -14.95 -0.78
C PRO A 178 16.96 -14.67 -1.88
N LYS A 179 17.73 -15.71 -2.22
CA LYS A 179 18.82 -15.60 -3.18
C LYS A 179 18.42 -16.17 -4.55
N LEU A 180 18.89 -15.52 -5.62
CA LEU A 180 18.79 -16.10 -6.96
C LEU A 180 19.59 -17.40 -7.02
N GLN A 181 19.19 -18.31 -7.92
CA GLN A 181 19.94 -19.56 -8.11
C GLN A 181 21.36 -19.30 -8.63
N PRO A 182 22.29 -20.23 -8.37
CA PRO A 182 23.67 -20.05 -8.84
C PRO A 182 23.73 -19.94 -10.37
N HIS A 183 24.64 -19.08 -10.86
CA HIS A 183 24.76 -18.82 -12.28
C HIS A 183 26.22 -18.64 -12.67
N PRO A 184 26.63 -19.18 -13.84
CA PRO A 184 27.95 -19.10 -14.47
C PRO A 184 28.52 -17.69 -14.43
N ALA B 1 -36.24 -8.83 14.50
CA ALA B 1 -35.72 -9.13 13.16
C ALA B 1 -34.31 -9.74 13.23
N GLY B 2 -34.02 -10.73 12.37
CA GLY B 2 -32.69 -11.29 12.23
C GLY B 2 -31.84 -10.46 11.28
N LEU B 3 -30.60 -10.94 11.03
CA LEU B 3 -29.53 -10.11 10.47
C LEU B 3 -29.87 -9.42 9.14
N PRO B 4 -30.10 -10.14 8.03
CA PRO B 4 -30.35 -9.40 6.78
C PRO B 4 -31.58 -8.50 6.87
N GLU B 5 -32.66 -8.96 7.52
CA GLU B 5 -33.84 -8.10 7.66
C GLU B 5 -33.55 -6.83 8.47
N SER B 6 -32.57 -6.86 9.38
CA SER B 6 -32.30 -5.71 10.24
C SER B 6 -31.38 -4.64 9.61
N VAL B 7 -30.79 -4.89 8.44
CA VAL B 7 -29.93 -3.90 7.78
C VAL B 7 -30.79 -2.89 7.02
N ILE B 8 -30.63 -1.59 7.34
CA ILE B 8 -31.44 -0.54 6.71
C ILE B 8 -30.73 0.16 5.55
N TRP B 9 -29.40 0.05 5.45
CA TRP B 9 -28.59 0.85 4.52
C TRP B 9 -27.16 0.27 4.43
N ALA B 10 -26.61 0.03 3.23
CA ALA B 10 -25.25 -0.54 3.11
C ALA B 10 -24.63 -0.21 1.74
N VAL B 11 -23.31 0.07 1.71
CA VAL B 11 -22.59 0.54 0.51
C VAL B 11 -21.26 -0.20 0.33
N ASN B 12 -20.96 -0.65 -0.92
CA ASN B 12 -19.61 -1.08 -1.31
C ASN B 12 -18.88 0.11 -1.97
N ALA B 13 -18.03 0.81 -1.20
CA ALA B 13 -17.36 2.02 -1.71
C ALA B 13 -16.38 1.68 -2.84
N GLY B 14 -16.42 2.48 -3.92
CA GLY B 14 -15.59 2.24 -5.10
C GLY B 14 -15.97 1.06 -5.96
N GLY B 15 -17.11 0.39 -5.69
CA GLY B 15 -17.38 -0.88 -6.36
C GLY B 15 -18.83 -1.12 -6.75
N GLU B 16 -19.14 -2.33 -7.20
CA GLU B 16 -20.45 -2.78 -7.66
C GLU B 16 -21.19 -3.52 -6.54
N ALA B 17 -22.44 -3.91 -6.78
CA ALA B 17 -23.20 -4.64 -5.76
C ALA B 17 -22.51 -5.97 -5.41
N HIS B 18 -22.61 -6.36 -4.12
CA HIS B 18 -22.06 -7.63 -3.62
C HIS B 18 -22.85 -8.13 -2.41
N VAL B 19 -23.25 -9.41 -2.41
CA VAL B 19 -23.90 -10.03 -1.24
C VAL B 19 -22.88 -10.89 -0.48
N ASP B 20 -22.68 -10.60 0.82
CA ASP B 20 -21.65 -11.28 1.59
C ASP B 20 -22.16 -12.62 2.16
N VAL B 21 -21.29 -13.33 2.90
CA VAL B 21 -21.62 -14.68 3.36
C VAL B 21 -22.69 -14.67 4.46
N HIS B 22 -22.96 -13.53 5.10
CA HIS B 22 -24.04 -13.37 6.06
C HIS B 22 -25.38 -12.98 5.42
N GLY B 23 -25.40 -12.76 4.10
CA GLY B 23 -26.59 -12.34 3.40
C GLY B 23 -26.79 -10.85 3.29
N ILE B 24 -25.80 -10.05 3.66
CA ILE B 24 -25.93 -8.59 3.62
C ILE B 24 -25.61 -8.08 2.21
N HIS B 25 -26.52 -7.29 1.65
CA HIS B 25 -26.40 -6.70 0.31
C HIS B 25 -25.72 -5.33 0.41
N PHE B 26 -24.44 -5.24 0.00
CA PHE B 26 -23.72 -3.96 -0.09
C PHE B 26 -24.02 -3.35 -1.46
N ARG B 27 -24.73 -2.21 -1.50
CA ARG B 27 -25.20 -1.62 -2.76
C ARG B 27 -24.05 -0.98 -3.57
N LYS B 28 -24.25 -0.89 -4.90
CA LYS B 28 -23.33 -0.14 -5.76
C LYS B 28 -23.17 1.29 -5.22
N ASP B 29 -21.92 1.82 -5.23
CA ASP B 29 -21.58 3.13 -4.65
C ASP B 29 -22.42 4.29 -5.17
N PRO B 30 -23.26 4.94 -4.34
CA PRO B 30 -24.05 6.09 -4.83
C PRO B 30 -23.24 7.36 -5.09
N LEU B 31 -21.97 7.45 -4.68
CA LEU B 31 -21.20 8.65 -4.97
C LEU B 31 -20.36 8.55 -6.26
N GLU B 32 -20.53 7.48 -7.06
CA GLU B 32 -19.83 7.36 -8.33
C GLU B 32 -20.03 8.60 -9.20
N GLY B 33 -18.91 9.19 -9.61
CA GLY B 33 -18.90 10.39 -10.44
C GLY B 33 -19.33 11.66 -9.75
N ARG B 34 -19.49 11.66 -8.42
CA ARG B 34 -20.10 12.78 -7.71
C ARG B 34 -19.15 13.47 -6.74
N VAL B 35 -18.58 12.77 -5.77
CA VAL B 35 -17.55 13.36 -4.91
C VAL B 35 -16.53 12.30 -4.53
N GLY B 36 -15.28 12.73 -4.35
CA GLY B 36 -14.18 11.80 -4.13
C GLY B 36 -13.77 11.05 -5.39
N ARG B 37 -12.92 10.03 -5.18
CA ARG B 37 -12.28 9.24 -6.23
C ARG B 37 -12.37 7.74 -5.93
N ALA B 38 -12.82 6.94 -6.89
CA ALA B 38 -12.83 5.48 -6.75
C ALA B 38 -11.46 4.89 -7.14
N SER B 39 -11.07 3.78 -6.48
CA SER B 39 -9.86 3.06 -6.90
C SER B 39 -10.01 1.55 -6.71
N ASP B 40 -9.61 0.77 -7.74
CA ASP B 40 -9.58 -0.68 -7.65
C ASP B 40 -8.14 -1.24 -7.56
N TYR B 41 -7.21 -0.42 -7.03
CA TYR B 41 -5.81 -0.82 -6.92
C TYR B 41 -5.64 -2.13 -6.13
N GLY B 42 -6.41 -2.32 -5.05
CA GLY B 42 -6.28 -3.50 -4.21
C GLY B 42 -6.73 -4.82 -4.84
N MET B 43 -7.32 -4.79 -6.06
CA MET B 43 -7.79 -6.02 -6.67
C MET B 43 -6.64 -6.96 -7.06
N LYS B 44 -5.39 -6.48 -7.03
CA LYS B 44 -4.22 -7.32 -7.25
C LYS B 44 -3.76 -8.08 -6.00
N LEU B 45 -4.32 -7.81 -4.82
CA LEU B 45 -3.79 -8.30 -3.55
C LEU B 45 -4.75 -9.24 -2.84
N PRO B 46 -4.26 -10.37 -2.29
CA PRO B 46 -5.08 -11.14 -1.33
C PRO B 46 -5.23 -10.36 -0.02
N ILE B 47 -6.45 -10.33 0.52
CA ILE B 47 -6.76 -9.59 1.75
C ILE B 47 -6.83 -10.56 2.93
N LEU B 48 -5.89 -10.43 3.88
CA LEU B 48 -5.90 -11.34 5.03
C LEU B 48 -7.02 -11.01 6.02
N ARG B 49 -7.46 -12.03 6.75
CA ARG B 49 -8.37 -11.97 7.87
C ARG B 49 -9.84 -11.94 7.44
N SER B 50 -10.14 -11.55 6.20
CA SER B 50 -11.52 -11.62 5.74
C SER B 50 -11.82 -12.94 5.02
N ASN B 51 -13.11 -13.25 4.88
CA ASN B 51 -13.50 -14.40 4.07
C ASN B 51 -13.09 -14.16 2.62
N PRO B 52 -12.52 -15.16 1.94
CA PRO B 52 -12.06 -14.95 0.55
C PRO B 52 -13.18 -14.68 -0.45
N GLU B 53 -14.40 -15.17 -0.20
CA GLU B 53 -15.53 -14.86 -1.08
C GLU B 53 -15.90 -13.39 -1.05
N ASP B 54 -15.47 -12.67 -0.02
CA ASP B 54 -15.89 -11.29 0.21
C ASP B 54 -14.73 -10.29 0.10
N GLN B 55 -13.54 -10.70 -0.36
CA GLN B 55 -12.44 -9.74 -0.30
C GLN B 55 -12.60 -8.58 -1.28
N ILE B 56 -13.49 -8.68 -2.27
CA ILE B 56 -13.77 -7.54 -3.17
C ILE B 56 -14.22 -6.30 -2.40
N LEU B 57 -14.90 -6.47 -1.25
CA LEU B 57 -15.32 -5.30 -0.45
C LEU B 57 -14.12 -4.45 -0.02
N TYR B 58 -13.01 -5.11 0.35
CA TYR B 58 -11.79 -4.46 0.84
C TYR B 58 -10.79 -4.10 -0.27
N GLN B 59 -10.92 -4.72 -1.45
CA GLN B 59 -10.07 -4.43 -2.62
C GLN B 59 -10.48 -3.17 -3.39
N THR B 60 -11.69 -2.63 -3.17
CA THR B 60 -12.18 -1.39 -3.77
C THR B 60 -12.41 -0.33 -2.68
N GLU B 61 -12.15 0.96 -3.00
CA GLU B 61 -12.26 2.05 -2.03
C GLU B 61 -12.74 3.36 -2.69
N ARG B 62 -13.20 4.30 -1.84
CA ARG B 62 -13.31 5.73 -2.19
C ARG B 62 -12.38 6.54 -1.29
N TYR B 63 -11.55 7.43 -1.89
CA TYR B 63 -10.60 8.29 -1.17
C TYR B 63 -10.66 9.72 -1.71
N ASN B 64 -9.99 10.67 -1.02
CA ASN B 64 -9.98 12.07 -1.50
C ASN B 64 -8.84 12.84 -0.82
N GLU B 65 -8.35 13.89 -1.51
CA GLU B 65 -7.34 14.78 -0.93
C GLU B 65 -7.93 15.94 -0.11
N GLU B 66 -9.25 16.01 0.03
CA GLU B 66 -9.96 16.90 0.96
C GLU B 66 -11.04 16.10 1.71
N THR B 67 -11.55 16.65 2.82
CA THR B 67 -12.64 16.04 3.58
C THR B 67 -13.85 15.71 2.69
N PHE B 68 -14.48 14.52 2.90
CA PHE B 68 -15.68 14.10 2.16
C PHE B 68 -16.58 13.22 3.03
N GLY B 69 -17.82 12.95 2.57
CA GLY B 69 -18.71 12.11 3.37
C GLY B 69 -19.97 11.62 2.66
N TYR B 70 -20.70 10.71 3.35
CA TYR B 70 -21.99 10.16 2.93
C TYR B 70 -23.14 10.70 3.79
N GLU B 71 -24.30 10.98 3.17
CA GLU B 71 -25.53 11.32 3.89
C GLU B 71 -26.48 10.12 3.92
N VAL B 72 -27.09 9.85 5.09
CA VAL B 72 -27.92 8.67 5.29
C VAL B 72 -29.29 9.05 5.83
N PRO B 73 -30.40 8.74 5.15
CA PRO B 73 -31.73 8.96 5.76
C PRO B 73 -32.08 7.87 6.77
N ILE B 74 -32.58 8.26 7.94
CA ILE B 74 -33.06 7.31 8.96
C ILE B 74 -34.53 7.61 9.27
N LYS B 75 -35.41 6.63 8.98
CA LYS B 75 -36.86 6.83 8.98
C LYS B 75 -37.51 6.72 10.36
N GLU B 76 -37.01 5.83 11.23
CA GLU B 76 -37.68 5.51 12.49
C GLU B 76 -36.72 5.64 13.67
N GLU B 77 -37.27 5.98 14.86
CA GLU B 77 -36.45 5.99 16.08
C GLU B 77 -36.06 4.56 16.50
N GLY B 78 -34.95 4.44 17.23
CA GLY B 78 -34.51 3.16 17.76
C GLY B 78 -33.02 3.11 18.06
N ASP B 79 -32.56 1.91 18.43
CA ASP B 79 -31.12 1.65 18.62
C ASP B 79 -30.51 1.07 17.34
N TYR B 80 -29.31 1.55 16.98
CA TYR B 80 -28.64 1.16 15.73
C TYR B 80 -27.13 0.95 15.99
N VAL B 81 -26.47 0.21 15.08
CA VAL B 81 -25.00 0.10 15.08
C VAL B 81 -24.46 0.41 13.67
N LEU B 82 -23.46 1.32 13.60
CA LEU B 82 -22.72 1.61 12.37
C LEU B 82 -21.41 0.80 12.31
N VAL B 83 -21.17 0.08 11.20
CA VAL B 83 -19.94 -0.70 10.98
C VAL B 83 -19.18 -0.13 9.78
N LEU B 84 -17.91 0.23 9.97
CA LEU B 84 -17.04 0.78 8.92
C LEU B 84 -15.88 -0.20 8.63
N LYS B 85 -15.66 -0.54 7.35
CA LYS B 85 -14.66 -1.53 6.92
C LYS B 85 -13.50 -0.86 6.14
N PHE B 86 -12.24 -1.20 6.50
CA PHE B 86 -11.02 -0.57 5.95
C PHE B 86 -9.92 -1.61 5.64
N ALA B 87 -8.99 -1.26 4.73
CA ALA B 87 -7.72 -1.97 4.52
C ALA B 87 -6.68 -1.00 3.98
N GLU B 88 -5.41 -1.19 4.38
CA GLU B 88 -4.27 -0.39 3.88
C GLU B 88 -3.58 -1.19 2.77
N VAL B 89 -3.80 -0.79 1.51
CA VAL B 89 -3.29 -1.53 0.36
C VAL B 89 -2.06 -0.87 -0.27
N TYR B 90 -1.47 0.17 0.37
CA TYR B 90 -0.30 0.87 -0.19
C TYR B 90 0.89 0.98 0.79
N PHE B 91 0.69 1.54 1.99
CA PHE B 91 1.76 1.76 2.97
C PHE B 91 2.02 0.53 3.86
N ALA B 92 3.23 0.49 4.44
CA ALA B 92 3.70 -0.60 5.33
C ALA B 92 4.61 -0.05 6.46
N GLN B 93 4.31 1.16 6.95
CA GLN B 93 4.91 1.76 8.14
C GLN B 93 3.85 2.59 8.87
N SER B 94 4.07 2.86 10.15
CA SER B 94 3.12 3.70 10.91
C SER B 94 3.32 5.19 10.61
N GLN B 95 2.27 5.98 10.92
CA GLN B 95 2.23 7.43 10.69
C GLN B 95 2.55 7.82 9.24
N GLN B 96 2.00 7.05 8.29
CA GLN B 96 2.04 7.39 6.86
C GLN B 96 0.68 7.89 6.37
N LYS B 97 -0.41 7.18 6.69
CA LYS B 97 -1.81 7.60 6.45
C LYS B 97 -2.56 7.59 7.78
N VAL B 98 -3.08 8.76 8.20
CA VAL B 98 -3.81 8.94 9.47
C VAL B 98 -4.97 9.93 9.26
N PHE B 99 -6.19 9.61 9.77
CA PHE B 99 -7.36 10.49 9.62
C PHE B 99 -8.41 10.28 10.72
N ASP B 100 -9.26 11.30 10.95
CA ASP B 100 -10.41 11.23 11.87
C ASP B 100 -11.70 10.83 11.14
N VAL B 101 -12.66 10.27 11.90
CA VAL B 101 -14.02 10.00 11.43
C VAL B 101 -15.01 10.76 12.33
N ARG B 102 -15.95 11.52 11.72
CA ARG B 102 -16.97 12.28 12.46
C ARG B 102 -18.40 11.88 12.07
N LEU B 103 -19.33 12.00 13.04
CA LEU B 103 -20.75 11.71 12.86
C LEU B 103 -21.55 12.92 13.33
N ASN B 104 -22.20 13.63 12.40
CA ASN B 104 -22.91 14.87 12.72
C ASN B 104 -22.03 15.84 13.52
N GLY B 105 -20.74 15.88 13.18
CA GLY B 105 -19.77 16.73 13.85
C GLY B 105 -19.06 16.13 15.04
N HIS B 106 -19.57 15.03 15.62
CA HIS B 106 -18.93 14.38 16.77
C HIS B 106 -17.76 13.53 16.28
N VAL B 107 -16.55 13.73 16.85
CA VAL B 107 -15.44 12.83 16.50
C VAL B 107 -15.65 11.48 17.16
N VAL B 108 -15.78 10.42 16.35
CA VAL B 108 -16.06 9.09 16.87
C VAL B 108 -14.89 8.10 16.71
N VAL B 109 -13.93 8.37 15.81
CA VAL B 109 -12.63 7.69 15.76
C VAL B 109 -11.55 8.77 15.59
N LYS B 110 -10.63 8.87 16.56
CA LYS B 110 -9.54 9.85 16.54
C LYS B 110 -8.23 9.22 16.08
N ASP B 111 -7.60 9.82 15.06
CA ASP B 111 -6.29 9.42 14.55
C ASP B 111 -6.24 7.93 14.15
N LEU B 112 -7.17 7.52 13.27
CA LEU B 112 -7.17 6.15 12.74
C LEU B 112 -5.96 5.92 11.84
N ASP B 113 -5.13 4.93 12.19
CA ASP B 113 -3.92 4.52 11.46
C ASP B 113 -4.08 3.03 11.17
N ILE B 114 -4.61 2.71 9.98
CA ILE B 114 -4.97 1.32 9.65
C ILE B 114 -3.76 0.40 9.74
N PHE B 115 -2.61 0.78 9.15
CA PHE B 115 -1.44 -0.10 9.23
C PHE B 115 -1.04 -0.37 10.68
N ASP B 116 -1.02 0.67 11.54
CA ASP B 116 -0.58 0.46 12.92
C ASP B 116 -1.44 -0.61 13.62
N ARG B 117 -2.74 -0.67 13.31
CA ARG B 117 -3.67 -1.56 14.01
C ARG B 117 -3.61 -3.01 13.50
N VAL B 118 -3.44 -3.24 12.18
CA VAL B 118 -3.57 -4.58 11.61
C VAL B 118 -2.47 -5.02 10.63
N GLY B 119 -1.60 -4.10 10.18
CA GLY B 119 -0.61 -4.43 9.15
C GLY B 119 -1.04 -4.09 7.73
N HIS B 120 -0.27 -4.61 6.74
CA HIS B 120 -0.50 -4.38 5.29
C HIS B 120 -1.50 -5.40 4.73
N SER B 121 -2.42 -4.92 3.87
CA SER B 121 -3.33 -5.77 3.09
C SER B 121 -4.14 -6.73 3.98
N THR B 122 -4.72 -6.18 5.07
CA THR B 122 -5.43 -6.92 6.13
C THR B 122 -6.69 -6.17 6.55
N ALA B 123 -7.81 -6.88 6.73
CA ALA B 123 -9.08 -6.22 7.11
C ALA B 123 -9.05 -5.64 8.53
N HIS B 124 -9.68 -4.45 8.70
CA HIS B 124 -9.92 -3.77 9.99
C HIS B 124 -11.31 -3.12 10.02
N ASP B 125 -12.13 -3.41 11.04
CA ASP B 125 -13.48 -2.84 11.19
C ASP B 125 -13.60 -1.99 12.47
N GLU B 126 -14.29 -0.85 12.37
CA GLU B 126 -14.71 -0.03 13.52
C GLU B 126 -16.22 -0.19 13.76
N ILE B 127 -16.62 -0.39 15.01
CA ILE B 127 -18.01 -0.70 15.37
C ILE B 127 -18.53 0.39 16.34
N ILE B 128 -19.55 1.15 15.90
CA ILE B 128 -20.00 2.36 16.62
C ILE B 128 -21.50 2.30 16.94
N PRO B 129 -21.90 2.05 18.20
CA PRO B 129 -23.33 2.06 18.55
C PRO B 129 -23.87 3.47 18.73
N MET B 130 -25.17 3.64 18.41
CA MET B 130 -25.88 4.92 18.57
C MET B 130 -27.36 4.70 18.88
N SER B 131 -28.03 5.77 19.35
CA SER B 131 -29.47 5.77 19.56
C SER B 131 -30.10 7.02 18.96
N ILE B 132 -31.28 6.87 18.38
CA ILE B 132 -32.09 8.00 17.89
C ILE B 132 -33.44 7.95 18.59
N ARG B 133 -33.69 8.94 19.45
CA ARG B 133 -34.87 8.94 20.30
C ARG B 133 -35.23 10.37 20.71
N LYS B 134 -36.54 10.67 20.72
CA LYS B 134 -37.06 11.94 21.23
C LYS B 134 -36.46 13.16 20.52
N GLY B 135 -36.18 13.02 19.23
CA GLY B 135 -35.61 14.10 18.44
C GLY B 135 -34.11 14.29 18.54
N LYS B 136 -33.37 13.33 19.13
CA LYS B 136 -31.95 13.47 19.45
C LYS B 136 -31.12 12.30 18.91
N LEU B 137 -29.88 12.60 18.51
CA LEU B 137 -28.83 11.59 18.30
C LEU B 137 -27.94 11.48 19.53
N SER B 138 -27.67 10.25 19.98
CA SER B 138 -26.77 9.99 21.11
C SER B 138 -25.67 9.01 20.68
N VAL B 139 -24.42 9.43 20.84
CA VAL B 139 -23.27 8.61 20.46
C VAL B 139 -22.08 8.94 21.37
N GLN B 140 -21.50 7.90 21.98
CA GLN B 140 -20.31 8.00 22.83
C GLN B 140 -20.49 9.02 23.95
N GLY B 141 -21.69 9.06 24.51
CA GLY B 141 -21.99 9.95 25.61
C GLY B 141 -22.23 11.40 25.26
N GLU B 142 -22.44 11.73 23.98
CA GLU B 142 -22.72 13.09 23.53
C GLU B 142 -24.07 13.13 22.81
N VAL B 143 -24.81 14.25 22.97
CA VAL B 143 -26.19 14.37 22.47
C VAL B 143 -26.37 15.66 21.64
N SER B 144 -27.11 15.55 20.53
CA SER B 144 -27.42 16.69 19.67
C SER B 144 -28.71 16.46 18.89
N THR B 145 -29.26 17.55 18.32
CA THR B 145 -30.55 17.49 17.61
C THR B 145 -30.43 16.71 16.30
N PHE B 146 -31.38 15.78 16.06
CA PHE B 146 -31.44 14.98 14.83
C PHE B 146 -32.56 15.47 13.93
N THR B 147 -32.23 15.74 12.66
CA THR B 147 -33.14 16.33 11.68
C THR B 147 -33.72 15.33 10.69
N GLY B 148 -33.27 14.07 10.72
CA GLY B 148 -33.69 13.06 9.77
C GLY B 148 -32.58 12.45 8.95
N LYS B 149 -31.40 13.09 8.91
CA LYS B 149 -30.25 12.62 8.15
C LYS B 149 -28.99 12.57 9.01
N LEU B 150 -28.18 11.52 8.79
CA LEU B 150 -26.87 11.33 9.42
C LEU B 150 -25.78 11.66 8.40
N TYR B 151 -24.77 12.44 8.81
CA TYR B 151 -23.64 12.78 7.92
C TYR B 151 -22.36 12.11 8.45
N ILE B 152 -21.82 11.17 7.67
CA ILE B 152 -20.62 10.40 8.04
C ILE B 152 -19.42 10.98 7.27
N GLU B 153 -18.46 11.59 7.98
CA GLU B 153 -17.36 12.34 7.37
C GLU B 153 -16.00 11.70 7.62
N PHE B 154 -15.15 11.69 6.58
CA PHE B 154 -13.75 11.25 6.67
C PHE B 154 -12.85 12.46 6.42
N VAL B 155 -12.05 12.85 7.44
CA VAL B 155 -11.44 14.20 7.56
C VAL B 155 -9.97 14.20 7.09
N LYS B 156 -9.61 15.16 6.21
CA LYS B 156 -8.22 15.31 5.75
C LYS B 156 -7.34 16.01 6.78
N GLY B 157 -6.24 15.33 7.17
CA GLY B 157 -5.15 15.91 7.94
C GLY B 157 -3.85 16.02 7.15
N TYR B 158 -2.72 16.03 7.88
CA TYR B 158 -1.42 16.14 7.22
C TYR B 158 -0.87 14.84 6.63
N TYR B 159 -1.28 13.66 7.14
CA TYR B 159 -0.68 12.38 6.75
C TYR B 159 -1.54 11.64 5.72
N ASP B 160 -1.23 11.85 4.44
CA ASP B 160 -1.88 11.25 3.25
C ASP B 160 -3.39 11.49 3.28
N ASN B 161 -4.22 10.56 2.66
CA ASN B 161 -5.63 10.83 2.30
C ASN B 161 -6.63 9.97 3.10
N PRO B 162 -7.75 10.55 3.57
CA PRO B 162 -8.83 9.71 4.15
C PRO B 162 -9.45 8.76 3.12
N LYS B 163 -9.95 7.61 3.59
CA LYS B 163 -10.55 6.57 2.71
C LYS B 163 -11.53 5.69 3.48
N VAL B 164 -12.40 4.97 2.73
CA VAL B 164 -13.28 3.93 3.29
C VAL B 164 -13.52 2.85 2.23
N CYS B 165 -13.69 1.59 2.69
CA CYS B 165 -13.91 0.46 1.75
C CYS B 165 -15.36 -0.02 1.67
N ALA B 166 -16.06 -0.13 2.80
CA ALA B 166 -17.49 -0.47 2.82
C ALA B 166 -18.11 -0.04 4.16
N LEU B 167 -19.46 0.05 4.20
CA LEU B 167 -20.14 0.49 5.42
C LEU B 167 -21.59 -0.01 5.46
N TYR B 168 -22.13 -0.28 6.68
CA TYR B 168 -23.54 -0.64 6.82
C TYR B 168 -24.10 -0.21 8.18
N ILE B 169 -25.44 -0.01 8.26
CA ILE B 169 -26.14 0.31 9.50
C ILE B 169 -27.25 -0.72 9.75
N MET B 170 -27.29 -1.31 10.96
CA MET B 170 -28.30 -2.31 11.33
C MET B 170 -29.05 -1.88 12.61
N ALA B 171 -30.32 -2.24 12.68
CA ALA B 171 -31.09 -2.06 13.92
C ALA B 171 -30.70 -3.13 14.94
N GLY B 172 -30.38 -2.71 16.18
CA GLY B 172 -29.99 -3.61 17.23
C GLY B 172 -28.84 -3.06 18.06
N THR B 173 -28.13 -3.95 18.78
CA THR B 173 -27.02 -3.59 19.66
C THR B 173 -25.77 -4.41 19.30
N VAL B 174 -24.66 -4.08 19.98
CA VAL B 174 -23.34 -4.55 19.53
C VAL B 174 -23.23 -6.07 19.58
N ASP B 175 -23.91 -6.72 20.53
CA ASP B 175 -23.81 -8.18 20.59
C ASP B 175 -24.36 -8.88 19.34
N ASP B 176 -25.14 -8.17 18.51
CA ASP B 176 -25.74 -8.72 17.28
C ASP B 176 -24.82 -8.69 16.06
N VAL B 177 -23.70 -7.96 16.12
CA VAL B 177 -22.84 -7.72 14.94
C VAL B 177 -21.82 -8.84 14.76
N PRO B 178 -21.67 -9.42 13.55
CA PRO B 178 -20.60 -10.40 13.35
C PRO B 178 -19.21 -9.78 13.46
N LYS B 179 -18.32 -10.47 14.19
CA LYS B 179 -16.98 -9.96 14.48
C LYS B 179 -15.94 -10.63 13.57
N LEU B 180 -14.92 -9.85 13.16
CA LEU B 180 -13.75 -10.43 12.51
C LEU B 180 -13.04 -11.37 13.47
N GLN B 181 -12.30 -12.33 12.93
CA GLN B 181 -11.53 -13.25 13.78
C GLN B 181 -10.43 -12.53 14.56
N PRO B 182 -9.97 -13.10 15.69
CA PRO B 182 -8.96 -12.40 16.50
C PRO B 182 -7.66 -12.11 15.77
N HIS B 183 -7.17 -13.01 14.91
CA HIS B 183 -5.85 -12.79 14.30
C HIS B 183 -5.76 -11.50 13.48
N PRO B 184 -5.05 -10.46 13.95
CA PRO B 184 -5.05 -9.19 13.22
C PRO B 184 -3.76 -8.90 12.45
C1 DIO C . 4.65 2.67 -0.26
C2 DIO C . 5.62 3.08 -2.33
C1' DIO C . 5.57 1.46 -0.06
C2' DIO C . 6.56 1.88 -2.12
O1 DIO C . 5.21 3.66 -1.10
O1' DIO C . 5.93 0.92 -1.31
S SO4 D . 6.84 7.85 -18.08
O1 SO4 D . 6.49 9.23 -18.18
O2 SO4 D . 8.02 7.61 -18.85
O3 SO4 D . 7.08 7.51 -16.73
O4 SO4 D . 5.78 7.05 -18.60
C1 DIO E . -27.61 2.23 0.39
C2 DIO E . -29.48 3.31 -0.58
C1' DIO E . -28.48 1.02 0.67
C2' DIO E . -30.35 2.12 -0.21
O1 DIO E . -28.13 2.92 -0.74
O1' DIO E . -29.82 1.40 0.89
S SO4 F . -15.34 7.99 -9.82
O1 SO4 F . -14.06 8.21 -9.27
O2 SO4 F . -16.28 7.73 -8.78
O3 SO4 F . -15.74 9.14 -10.56
O4 SO4 F . -15.29 6.87 -10.70
#